data_4C97
#
_entry.id   4C97
#
_cell.length_a   73.930
_cell.length_b   77.450
_cell.length_c   88.790
_cell.angle_alpha   90.00
_cell.angle_beta   90.00
_cell.angle_gamma   90.00
#
_symmetry.space_group_name_H-M   'P 21 21 21'
#
loop_
_entity.id
_entity.type
_entity.pdbx_description
1 polymer CAS6A
2 non-polymer 'SULFATE ION'
3 water water
#
_entity_poly.entity_id   1
_entity_poly.type   'polypeptide(L)'
_entity_poly.pdbx_seq_one_letter_code
;GAASMVLAALVLVLEGEGLPEPLGLRGFFYGLLREVAPEVADQGENPFALGFGGREGAAWARVSLLVEGLYARLAPRLYA
LEGEEVRLGPPFRVRAVLQEGHPWAGVSTYPRLFQGPPSRDLALRFASPTFFRRKGVHYPVPEPRLVLESLLRRLEAFGP
LKAPEGVREALLERTTVRSLEGRTLPARTEVDTAGFVGRVVYHLPRATEEEALWLSALGRFAFYSGVGAKTSLGYGRARA
ESA
;
_entity_poly.pdbx_strand_id   A,B
#
loop_
_chem_comp.id
_chem_comp.type
_chem_comp.name
_chem_comp.formula
SO4 non-polymer 'SULFATE ION' 'O4 S -2'
#
# COMPACT_ATOMS: atom_id res chain seq x y z
N SER A 4 -19.26 24.96 12.62
CA SER A 4 -18.21 24.72 13.66
C SER A 4 -16.88 24.61 12.99
N MET A 5 -15.85 25.13 13.63
CA MET A 5 -14.54 25.03 13.00
C MET A 5 -13.56 24.18 13.79
N VAL A 6 -14.05 23.04 14.29
CA VAL A 6 -13.25 22.13 15.09
C VAL A 6 -12.30 21.30 14.26
N LEU A 7 -11.13 21.03 14.83
CA LEU A 7 -10.34 19.93 14.35
C LEU A 7 -9.80 19.20 15.56
N ALA A 8 -9.51 17.91 15.37
CA ALA A 8 -9.21 17.08 16.53
C ALA A 8 -8.28 15.93 16.18
N ALA A 9 -7.51 15.50 17.17
CA ALA A 9 -6.70 14.29 17.09
C ALA A 9 -7.01 13.52 18.35
N LEU A 10 -7.67 12.37 18.15
CA LEU A 10 -7.98 11.49 19.25
C LEU A 10 -7.01 10.34 19.29
N VAL A 11 -6.54 10.02 20.49
CA VAL A 11 -5.59 8.93 20.69
C VAL A 11 -6.25 7.71 21.30
N LEU A 12 -6.04 6.55 20.67
CA LEU A 12 -6.49 5.27 21.22
C LEU A 12 -5.32 4.62 21.93
N VAL A 13 -5.44 4.54 23.25
CA VAL A 13 -4.45 3.90 24.10
C VAL A 13 -4.73 2.40 24.03
N LEU A 14 -3.71 1.63 23.65
CA LEU A 14 -3.93 0.23 23.27
C LEU A 14 -3.27 -0.73 24.22
N GLU A 15 -3.98 -1.80 24.56
CA GLU A 15 -3.35 -2.91 25.26
C GLU A 15 -3.36 -4.13 24.36
N GLY A 16 -2.22 -4.80 24.32
CA GLY A 16 -2.01 -5.91 23.42
C GLY A 16 -0.56 -5.97 23.01
N GLU A 17 -0.19 -7.03 22.31
CA GLU A 17 1.19 -7.24 21.88
C GLU A 17 1.45 -6.52 20.55
N GLY A 18 2.60 -5.89 20.44
CA GLY A 18 3.03 -5.30 19.18
C GLY A 18 2.61 -3.85 19.00
N LEU A 19 2.72 -3.38 17.78
CA LEU A 19 2.28 -2.04 17.43
C LEU A 19 1.27 -2.10 16.32
N PRO A 20 0.43 -1.08 16.23
CA PRO A 20 -0.48 -1.04 15.08
C PRO A 20 0.30 -1.02 13.78
N GLU A 21 -0.33 -1.55 12.74
CA GLU A 21 0.23 -1.59 11.40
C GLU A 21 -0.54 -0.58 10.55
N PRO A 22 0.17 0.13 9.66
CA PRO A 22 -0.44 1.18 8.83
C PRO A 22 -1.72 0.77 8.10
N LEU A 23 -1.63 -0.32 7.36
CA LEU A 23 -2.80 -0.78 6.60
C LEU A 23 -3.93 -1.29 7.50
N GLY A 24 -3.61 -1.97 8.59
CA GLY A 24 -4.67 -2.41 9.51
C GLY A 24 -5.38 -1.20 10.16
N LEU A 25 -4.59 -0.21 10.57
CA LEU A 25 -5.15 1.02 11.12
C LEU A 25 -6.06 1.72 10.10
N ARG A 26 -5.54 1.93 8.88
CA ARG A 26 -6.38 2.58 7.88
C ARG A 26 -7.62 1.76 7.55
N GLY A 27 -7.48 0.44 7.47
CA GLY A 27 -8.63 -0.42 7.17
C GLY A 27 -9.71 -0.32 8.23
N PHE A 28 -9.25 -0.27 9.47
CA PHE A 28 -10.17 -0.06 10.60
C PHE A 28 -10.92 1.28 10.47
N PHE A 29 -10.14 2.33 10.25
CA PHE A 29 -10.72 3.65 10.08
C PHE A 29 -11.72 3.69 8.92
N TYR A 30 -11.35 3.11 7.78
CA TYR A 30 -12.25 3.09 6.63
C TYR A 30 -13.50 2.26 6.93
N GLY A 31 -13.35 1.21 7.73
CA GLY A 31 -14.50 0.47 8.20
C GLY A 31 -15.48 1.33 8.98
N LEU A 32 -14.96 2.13 9.90
CA LEU A 32 -15.82 3.13 10.56
C LEU A 32 -16.42 4.17 9.59
N LEU A 33 -15.59 4.62 8.65
CA LEU A 33 -16.01 5.59 7.63
C LEU A 33 -17.17 5.10 6.75
N ARG A 34 -16.97 3.94 6.11
CA ARG A 34 -17.92 3.36 5.17
C ARG A 34 -19.30 3.31 5.83
N GLU A 35 -19.27 3.16 7.14
CA GLU A 35 -20.47 3.07 7.93
C GLU A 35 -21.06 4.44 8.25
N VAL A 36 -20.31 5.25 9.01
CA VAL A 36 -20.87 6.49 9.53
C VAL A 36 -20.78 7.68 8.56
N ALA A 37 -19.78 7.67 7.68
CA ALA A 37 -19.58 8.78 6.75
C ALA A 37 -19.18 8.26 5.36
N GLU A 45 -9.15 15.40 -1.37
CA GLU A 45 -8.39 15.69 -0.15
C GLU A 45 -8.98 14.97 1.04
N ASN A 46 -8.18 14.14 1.70
CA ASN A 46 -8.68 13.37 2.85
C ASN A 46 -8.83 14.31 4.03
N PRO A 47 -10.05 14.48 4.58
CA PRO A 47 -10.21 15.35 5.75
C PRO A 47 -9.84 14.68 7.07
N PHE A 48 -8.76 13.89 7.02
CA PHE A 48 -8.32 13.15 8.18
C PHE A 48 -6.86 12.76 7.98
N ALA A 49 -6.28 12.26 9.06
CA ALA A 49 -4.98 11.60 8.98
C ALA A 49 -4.91 10.57 10.09
N LEU A 50 -4.00 9.62 9.95
CA LEU A 50 -3.88 8.58 10.94
C LEU A 50 -2.44 8.48 11.40
N GLY A 51 -2.26 7.98 12.61
CA GLY A 51 -0.94 7.78 13.13
C GLY A 51 -0.89 6.73 14.21
N PHE A 52 0.32 6.40 14.61
CA PHE A 52 0.52 5.45 15.67
C PHE A 52 1.91 5.59 16.21
N GLY A 53 2.09 5.08 17.41
CA GLY A 53 3.39 5.17 18.02
C GLY A 53 3.46 4.47 19.34
N GLY A 54 4.51 4.81 20.08
CA GLY A 54 4.78 4.23 21.37
C GLY A 54 5.78 3.09 21.26
N ARG A 55 5.58 2.08 22.08
CA ARG A 55 6.53 0.98 22.23
C ARG A 55 5.72 -0.27 22.55
N GLU A 56 6.37 -1.42 22.48
CA GLU A 56 5.77 -2.65 22.92
C GLU A 56 5.26 -2.47 24.34
N GLY A 57 3.97 -2.73 24.54
CA GLY A 57 3.37 -2.67 25.86
C GLY A 57 2.80 -1.30 26.21
N ALA A 58 3.05 -0.31 25.35
CA ALA A 58 2.53 1.04 25.55
C ALA A 58 2.34 1.68 24.19
N ALA A 59 1.58 1.00 23.35
CA ALA A 59 1.33 1.42 21.99
C ALA A 59 0.07 2.26 21.93
N TRP A 60 0.00 3.10 20.91
CA TRP A 60 -1.21 3.86 20.70
C TRP A 60 -1.44 4.11 19.22
N ALA A 61 -2.68 4.46 18.91
CA ALA A 61 -3.01 4.90 17.56
C ALA A 61 -3.68 6.25 17.67
N ARG A 62 -3.75 6.97 16.55
CA ARG A 62 -4.39 8.27 16.57
C ARG A 62 -5.14 8.56 15.29
N VAL A 63 -6.29 9.22 15.47
CA VAL A 63 -7.17 9.57 14.37
C VAL A 63 -7.35 11.08 14.39
N SER A 64 -6.92 11.73 13.31
CA SER A 64 -7.12 13.16 13.14
C SER A 64 -8.27 13.41 12.23
N LEU A 65 -9.12 14.32 12.66
CA LEU A 65 -10.35 14.68 11.98
C LEU A 65 -10.30 16.18 11.75
N LEU A 66 -10.33 16.55 10.46
CA LEU A 66 -10.01 17.91 10.04
C LEU A 66 -11.22 18.77 9.70
N VAL A 67 -12.42 18.18 9.76
CA VAL A 67 -13.64 18.93 9.48
C VAL A 67 -14.68 18.51 10.52
N GLU A 68 -15.53 19.46 10.90
CA GLU A 68 -16.50 19.28 12.01
C GLU A 68 -17.43 18.12 11.83
N GLY A 69 -18.03 18.01 10.65
CA GLY A 69 -19.02 16.97 10.42
C GLY A 69 -18.46 15.60 10.71
N LEU A 70 -17.22 15.39 10.25
CA LEU A 70 -16.57 14.12 10.42
C LEU A 70 -16.28 13.89 11.89
N TYR A 71 -15.81 14.93 12.57
CA TYR A 71 -15.61 14.91 14.01
C TYR A 71 -16.91 14.49 14.74
N ALA A 72 -17.99 15.17 14.40
CA ALA A 72 -19.30 14.99 15.02
C ALA A 72 -19.74 13.55 14.83
N ARG A 73 -19.53 13.03 13.64
CA ARG A 73 -19.94 11.65 13.39
C ARG A 73 -19.02 10.58 13.96
N LEU A 74 -17.71 10.82 13.91
CA LEU A 74 -16.76 9.78 14.27
C LEU A 74 -16.39 9.75 15.75
N ALA A 75 -16.29 10.93 16.39
CA ALA A 75 -15.83 10.96 17.77
C ALA A 75 -16.65 10.05 18.68
N PRO A 76 -18.00 10.17 18.63
CA PRO A 76 -18.81 9.29 19.48
C PRO A 76 -18.56 7.82 19.18
N ARG A 77 -18.35 7.50 17.91
CA ARG A 77 -18.11 6.12 17.52
C ARG A 77 -16.74 5.67 18.04
N LEU A 78 -15.76 6.57 18.00
CA LEU A 78 -14.44 6.25 18.56
C LEU A 78 -14.55 6.06 20.06
N TYR A 79 -15.27 6.94 20.76
CA TYR A 79 -15.42 6.78 22.20
C TYR A 79 -16.06 5.45 22.59
N ALA A 80 -16.97 4.95 21.76
CA ALA A 80 -17.64 3.68 22.06
C ALA A 80 -16.69 2.49 21.96
N LEU A 81 -15.48 2.71 21.46
CA LEU A 81 -14.50 1.63 21.33
C LEU A 81 -13.84 1.27 22.67
N GLU A 82 -13.96 2.16 23.65
CA GLU A 82 -13.41 1.88 24.98
C GLU A 82 -13.90 0.54 25.53
N GLY A 83 -12.95 -0.29 25.92
CA GLY A 83 -13.24 -1.62 26.44
C GLY A 83 -13.25 -2.70 25.36
N GLU A 84 -13.30 -2.29 24.10
CA GLU A 84 -13.50 -3.22 22.99
C GLU A 84 -12.21 -3.66 22.31
N GLU A 85 -12.25 -4.83 21.69
CA GLU A 85 -11.11 -5.32 20.91
C GLU A 85 -11.26 -4.89 19.45
N VAL A 86 -10.17 -4.42 18.87
CA VAL A 86 -10.13 -4.01 17.47
C VAL A 86 -8.88 -4.55 16.83
N ARG A 87 -8.95 -4.84 15.54
CA ARG A 87 -7.77 -5.26 14.81
C ARG A 87 -7.17 -4.08 14.09
N LEU A 88 -5.90 -3.79 14.40
CA LEU A 88 -5.16 -2.72 13.76
C LEU A 88 -3.90 -3.37 13.20
N GLY A 89 -4.10 -4.46 12.47
CA GLY A 89 -3.04 -5.41 12.22
C GLY A 89 -3.23 -6.44 13.32
N PRO A 90 -2.34 -6.42 14.32
CA PRO A 90 -2.64 -7.26 15.49
C PRO A 90 -3.92 -6.79 16.18
N PRO A 91 -4.51 -7.65 17.01
CA PRO A 91 -5.66 -7.25 17.84
C PRO A 91 -5.20 -6.47 19.07
N PHE A 92 -5.94 -5.42 19.41
CA PHE A 92 -5.69 -4.66 20.64
C PHE A 92 -7.00 -4.40 21.32
N ARG A 93 -6.95 -4.28 22.64
CA ARG A 93 -8.08 -3.75 23.37
C ARG A 93 -7.87 -2.25 23.56
N VAL A 94 -8.91 -1.47 23.33
CA VAL A 94 -8.83 -0.04 23.46
C VAL A 94 -9.10 0.33 24.91
N ARG A 95 -8.06 0.77 25.61
CA ARG A 95 -8.19 1.09 27.03
C ARG A 95 -8.83 2.43 27.24
N ALA A 96 -8.47 3.38 26.40
CA ALA A 96 -8.98 4.73 26.53
C ALA A 96 -8.94 5.43 25.19
N VAL A 97 -9.89 6.33 25.00
CA VAL A 97 -9.89 7.23 23.86
C VAL A 97 -9.74 8.63 24.40
N LEU A 98 -8.62 9.27 24.04
CA LEU A 98 -8.24 10.55 24.64
C LEU A 98 -8.26 11.71 23.65
N GLN A 99 -8.81 12.85 24.09
CA GLN A 99 -8.74 14.09 23.34
C GLN A 99 -7.80 15.10 24.04
N GLU A 100 -7.28 14.70 25.19
CA GLU A 100 -6.34 15.49 25.96
C GLU A 100 -5.62 14.50 26.85
N GLY A 101 -4.53 14.93 27.48
CA GLY A 101 -3.83 14.07 28.41
C GLY A 101 -2.97 13.03 27.73
N HIS A 102 -2.63 13.26 26.47
CA HIS A 102 -1.63 12.45 25.77
C HIS A 102 -0.92 13.44 24.85
N PRO A 103 0.40 13.29 24.67
CA PRO A 103 1.14 14.26 23.85
C PRO A 103 0.59 14.45 22.43
N TRP A 104 -0.01 13.41 21.87
CA TRP A 104 -0.49 13.43 20.51
C TRP A 104 -2.01 13.56 20.38
N ALA A 105 -2.68 13.87 21.51
CA ALA A 105 -4.12 14.11 21.51
C ALA A 105 -4.38 15.61 21.60
N GLY A 106 -5.41 16.09 20.92
CA GLY A 106 -5.83 17.46 21.12
C GLY A 106 -7.07 17.79 20.34
N VAL A 107 -7.78 18.84 20.76
CA VAL A 107 -8.93 19.34 20.03
C VAL A 107 -8.81 20.84 20.03
N SER A 108 -9.06 21.45 18.88
CA SER A 108 -8.94 22.90 18.75
C SER A 108 -9.90 23.41 17.69
N THR A 109 -9.70 24.65 17.26
CA THR A 109 -10.52 25.23 16.22
C THR A 109 -9.61 25.93 15.23
N TYR A 110 -10.11 26.12 14.02
CA TYR A 110 -9.28 26.76 13.00
C TYR A 110 -8.86 28.18 13.40
N PRO A 111 -9.77 28.97 13.99
CA PRO A 111 -9.27 30.29 14.40
C PRO A 111 -8.10 30.20 15.38
N ARG A 112 -8.10 29.18 16.23
CA ARG A 112 -7.04 29.04 17.20
C ARG A 112 -5.72 28.67 16.54
N LEU A 113 -5.76 28.16 15.31
CA LEU A 113 -4.49 27.84 14.66
C LEU A 113 -3.76 29.12 14.37
N PHE A 114 -4.49 30.24 14.34
CA PHE A 114 -3.91 31.51 13.98
C PHE A 114 -3.64 32.38 15.21
N GLN A 115 -3.56 31.77 16.39
CA GLN A 115 -3.38 32.53 17.63
C GLN A 115 -2.00 33.18 17.75
N GLY A 116 -1.01 32.59 17.11
CA GLY A 116 0.34 33.13 17.14
C GLY A 116 0.98 32.80 18.47
N PRO A 117 1.99 33.57 18.87
CA PRO A 117 2.46 34.79 18.20
C PRO A 117 3.10 34.53 16.84
N PRO A 118 3.07 35.54 15.97
CA PRO A 118 3.79 35.38 14.70
C PRO A 118 5.25 35.17 15.00
N SER A 119 5.88 34.35 14.18
CA SER A 119 7.30 34.18 14.31
C SER A 119 7.85 33.87 12.93
N ARG A 120 9.05 34.37 12.66
N ARG A 120 9.05 34.37 12.66
CA ARG A 120 9.79 34.04 11.44
CA ARG A 120 9.78 34.06 11.43
C ARG A 120 10.34 32.64 11.44
C ARG A 120 10.37 32.66 11.45
N ASP A 121 10.38 32.02 12.62
CA ASP A 121 10.94 30.68 12.78
C ASP A 121 9.85 29.64 13.02
N LEU A 122 10.04 28.46 12.45
CA LEU A 122 9.15 27.33 12.73
C LEU A 122 9.98 26.06 12.86
N ALA A 123 10.01 25.52 14.06
CA ALA A 123 10.71 24.26 14.32
C ALA A 123 9.70 23.14 14.25
N LEU A 124 9.91 22.22 13.32
CA LEU A 124 9.06 21.06 13.20
C LEU A 124 9.83 19.81 13.56
N ARG A 125 9.15 18.93 14.28
CA ARG A 125 9.65 17.59 14.53
CA ARG A 125 9.65 17.59 14.53
C ARG A 125 8.84 16.63 13.69
N PHE A 126 9.56 15.86 12.89
CA PHE A 126 9.00 14.83 12.05
C PHE A 126 9.17 13.53 12.80
N ALA A 127 8.02 13.03 13.28
CA ALA A 127 7.97 11.94 14.26
C ALA A 127 7.74 10.58 13.61
N SER A 128 7.33 10.57 12.35
CA SER A 128 7.27 9.34 11.58
C SER A 128 7.79 9.68 10.19
N PRO A 129 8.15 8.65 9.40
CA PRO A 129 8.82 8.97 8.14
C PRO A 129 7.97 9.86 7.24
N THR A 130 8.59 10.93 6.72
CA THR A 130 7.89 11.96 5.98
C THR A 130 8.46 12.05 4.57
N PHE A 131 7.58 12.05 3.57
CA PHE A 131 8.00 12.11 2.19
C PHE A 131 6.93 12.76 1.31
N PHE A 132 7.32 13.02 0.06
CA PHE A 132 6.51 13.79 -0.89
C PHE A 132 6.52 13.10 -2.22
N ARG A 133 5.45 13.27 -2.99
CA ARG A 133 5.41 12.68 -4.31
C ARG A 133 5.95 13.70 -5.29
N ARG A 134 6.97 13.30 -6.06
CA ARG A 134 7.47 14.16 -7.12
C ARG A 134 7.76 13.29 -8.34
N LYS A 135 7.06 13.57 -9.42
CA LYS A 135 7.36 12.92 -10.68
C LYS A 135 7.28 11.40 -10.58
N GLY A 136 6.21 10.92 -9.96
CA GLY A 136 5.99 9.50 -9.81
C GLY A 136 7.02 8.80 -8.97
N VAL A 137 7.80 9.55 -8.21
CA VAL A 137 8.65 8.95 -7.20
C VAL A 137 8.43 9.66 -5.87
N HIS A 138 8.70 8.95 -4.80
CA HIS A 138 8.66 9.53 -3.48
C HIS A 138 10.01 10.14 -3.14
N TYR A 139 9.97 11.30 -2.49
CA TYR A 139 11.17 12.11 -2.21
C TYR A 139 11.15 12.46 -0.74
N PRO A 140 12.25 12.17 -0.02
CA PRO A 140 12.21 12.21 1.43
C PRO A 140 12.83 13.46 2.04
N VAL A 141 13.20 14.46 1.25
CA VAL A 141 13.88 15.63 1.82
C VAL A 141 12.85 16.72 2.21
N PRO A 142 12.88 17.15 3.47
CA PRO A 142 11.87 18.10 3.96
C PRO A 142 12.16 19.56 3.57
N GLU A 143 12.17 19.81 2.28
CA GLU A 143 12.40 21.13 1.73
C GLU A 143 11.29 22.07 2.20
N PRO A 144 11.64 23.34 2.50
CA PRO A 144 10.55 24.26 2.89
C PRO A 144 9.35 24.28 1.93
N ARG A 145 9.58 24.35 0.62
CA ARG A 145 8.46 24.49 -0.29
C ARG A 145 7.53 23.25 -0.24
N LEU A 146 8.13 22.09 -0.04
CA LEU A 146 7.36 20.85 0.00
C LEU A 146 6.51 20.74 1.29
N VAL A 147 7.18 20.94 2.43
CA VAL A 147 6.55 20.87 3.73
C VAL A 147 5.44 21.91 3.84
N LEU A 148 5.79 23.15 3.53
CA LEU A 148 4.85 24.24 3.70
C LEU A 148 3.71 24.20 2.69
N GLU A 149 3.99 23.78 1.44
CA GLU A 149 2.89 23.64 0.49
C GLU A 149 1.95 22.53 0.94
N SER A 150 2.50 21.43 1.45
CA SER A 150 1.63 20.36 1.96
C SER A 150 0.68 20.85 3.02
N LEU A 151 1.25 21.55 4.00
CA LEU A 151 0.42 22.11 5.08
C LEU A 151 -0.59 23.15 4.58
N LEU A 152 -0.13 24.07 3.74
CA LEU A 152 -1.00 25.15 3.25
C LEU A 152 -2.15 24.62 2.41
N ARG A 153 -1.85 23.64 1.55
CA ARG A 153 -2.88 23.08 0.67
C ARG A 153 -4.03 22.50 1.50
N ARG A 154 -3.69 21.78 2.55
CA ARG A 154 -4.68 21.12 3.37
CA ARG A 154 -4.69 21.13 3.36
C ARG A 154 -5.38 22.11 4.31
N LEU A 155 -4.63 23.09 4.80
CA LEU A 155 -5.24 24.12 5.63
C LEU A 155 -6.26 24.94 4.82
N GLU A 156 -5.92 25.19 3.57
CA GLU A 156 -6.84 25.87 2.66
C GLU A 156 -8.02 24.98 2.24
N ALA A 157 -7.80 23.68 2.11
CA ALA A 157 -8.91 22.76 1.82
C ALA A 157 -9.93 22.68 2.93
N PHE A 158 -9.45 22.60 4.16
CA PHE A 158 -10.36 22.29 5.27
C PHE A 158 -10.72 23.44 6.21
N GLY A 159 -9.93 24.50 6.17
CA GLY A 159 -10.15 25.65 7.03
C GLY A 159 -10.93 26.78 6.37
N PRO A 160 -11.16 27.86 7.11
CA PRO A 160 -12.08 28.89 6.64
C PRO A 160 -11.42 29.96 5.80
N LEU A 161 -10.10 29.89 5.62
CA LEU A 161 -9.33 31.02 5.10
C LEU A 161 -8.25 30.57 4.14
N LYS A 162 -8.09 31.30 3.05
CA LYS A 162 -7.00 31.05 2.13
C LYS A 162 -5.97 32.15 2.25
N ALA A 163 -4.72 31.79 1.99
CA ALA A 163 -3.65 32.78 2.09
C ALA A 163 -3.62 33.67 0.86
N PRO A 164 -3.40 34.97 1.05
CA PRO A 164 -3.15 35.83 -0.11
C PRO A 164 -1.99 35.27 -0.92
N GLU A 165 -2.05 35.44 -2.23
CA GLU A 165 -1.05 34.83 -3.11
C GLU A 165 0.38 35.24 -2.75
N GLY A 166 0.58 36.51 -2.41
CA GLY A 166 1.89 36.97 -1.99
C GLY A 166 2.41 36.32 -0.71
N VAL A 167 1.49 35.99 0.22
CA VAL A 167 1.84 35.26 1.44
C VAL A 167 2.29 33.84 1.10
N ARG A 168 1.51 33.18 0.25
CA ARG A 168 1.89 31.87 -0.28
C ARG A 168 3.27 31.94 -0.92
N GLU A 169 3.49 32.95 -1.75
CA GLU A 169 4.75 33.07 -2.47
C GLU A 169 5.91 33.20 -1.48
N ALA A 170 5.73 34.06 -0.48
CA ALA A 170 6.76 34.19 0.56
C ALA A 170 7.00 32.86 1.28
N LEU A 171 5.93 32.20 1.70
CA LEU A 171 6.09 30.98 2.47
C LEU A 171 6.82 29.92 1.67
N LEU A 172 6.42 29.74 0.41
CA LEU A 172 6.96 28.64 -0.38
C LEU A 172 8.32 28.94 -0.99
N GLU A 173 8.52 30.19 -1.42
CA GLU A 173 9.73 30.54 -2.16
C GLU A 173 10.84 31.14 -1.32
N ARG A 174 10.49 31.86 -0.26
CA ARG A 174 11.52 32.59 0.48
C ARG A 174 11.98 31.87 1.75
N THR A 175 11.13 31.01 2.30
CA THR A 175 11.50 30.30 3.53
C THR A 175 12.73 29.48 3.31
N THR A 176 13.65 29.55 4.27
CA THR A 176 14.90 28.80 4.23
C THR A 176 14.94 27.82 5.40
N VAL A 177 16.06 27.11 5.50
CA VAL A 177 16.31 26.23 6.60
C VAL A 177 17.44 26.75 7.43
N ARG A 178 17.19 26.96 8.72
CA ARG A 178 18.21 27.37 9.66
C ARG A 178 18.99 26.18 10.20
N SER A 179 18.30 25.09 10.52
CA SER A 179 18.97 23.88 10.97
C SER A 179 18.19 22.64 10.59
N LEU A 180 18.92 21.53 10.49
CA LEU A 180 18.31 20.23 10.20
C LEU A 180 19.09 19.15 10.88
N GLU A 181 18.38 18.19 11.46
CA GLU A 181 19.03 17.02 12.03
C GLU A 181 18.10 15.85 11.92
N GLY A 182 18.57 14.79 11.27
CA GLY A 182 17.73 13.63 11.16
C GLY A 182 18.24 12.60 10.20
N ARG A 183 17.34 11.71 9.81
CA ARG A 183 17.73 10.61 8.91
C ARG A 183 16.49 10.07 8.23
N THR A 184 16.68 9.31 7.17
CA THR A 184 15.56 8.69 6.51
C THR A 184 15.43 7.24 6.93
N LEU A 185 14.18 6.80 7.01
CA LEU A 185 13.86 5.43 7.38
C LEU A 185 12.93 4.85 6.32
N PRO A 186 13.00 3.52 6.12
CA PRO A 186 12.14 2.95 5.08
C PRO A 186 10.66 3.04 5.40
N ALA A 187 9.88 3.29 4.37
CA ALA A 187 8.42 3.26 4.46
C ALA A 187 8.00 1.90 3.97
N ARG A 188 7.76 1.00 4.91
CA ARG A 188 7.70 -0.43 4.59
C ARG A 188 6.46 -0.82 3.79
N THR A 189 5.43 0.03 3.78
CA THR A 189 4.24 -0.25 2.97
C THR A 189 4.45 0.16 1.51
N GLU A 190 5.56 0.85 1.23
CA GLU A 190 5.78 1.44 -0.08
C GLU A 190 6.92 0.77 -0.79
N VAL A 191 6.98 1.03 -2.10
CA VAL A 191 8.06 0.56 -2.95
C VAL A 191 9.11 1.65 -3.05
N ASP A 192 10.35 1.29 -2.75
CA ASP A 192 11.52 2.15 -2.93
C ASP A 192 11.29 3.53 -2.35
N THR A 193 10.79 3.59 -1.12
CA THR A 193 10.47 4.84 -0.49
C THR A 193 11.04 4.91 0.91
N ALA A 194 11.73 6.00 1.21
CA ALA A 194 12.11 6.31 2.58
C ALA A 194 11.46 7.63 2.96
N GLY A 195 11.42 7.90 4.27
CA GLY A 195 10.93 9.17 4.76
C GLY A 195 11.80 9.74 5.85
N PHE A 196 11.86 11.07 5.91
CA PHE A 196 12.65 11.76 6.91
C PHE A 196 12.00 11.72 8.30
N VAL A 197 12.85 11.52 9.30
CA VAL A 197 12.50 11.65 10.71
C VAL A 197 13.56 12.50 11.37
N GLY A 198 13.12 13.43 12.23
CA GLY A 198 14.08 14.35 12.84
C GLY A 198 13.50 15.74 13.04
N ARG A 199 14.37 16.74 13.09
CA ARG A 199 13.95 18.09 13.40
C ARG A 199 14.50 19.06 12.36
N VAL A 200 13.62 19.94 11.87
CA VAL A 200 14.08 20.99 10.98
C VAL A 200 13.57 22.34 11.50
N VAL A 201 14.43 23.35 11.51
CA VAL A 201 13.99 24.71 11.82
C VAL A 201 13.98 25.54 10.53
N TYR A 202 12.79 25.99 10.17
CA TYR A 202 12.51 26.84 9.03
C TYR A 202 12.53 28.29 9.45
N HIS A 203 12.95 29.15 8.54
CA HIS A 203 13.05 30.56 8.85
C HIS A 203 12.66 31.35 7.62
N LEU A 204 11.76 32.31 7.81
CA LEU A 204 11.30 33.18 6.73
C LEU A 204 11.89 34.59 6.89
N PRO A 205 12.92 34.91 6.08
CA PRO A 205 13.53 36.23 6.19
C PRO A 205 12.54 37.32 5.88
N ARG A 206 12.64 38.40 6.65
CA ARG A 206 11.83 39.60 6.49
C ARG A 206 10.36 39.33 6.39
N ALA A 207 9.87 38.32 7.12
CA ALA A 207 8.44 38.05 7.13
C ALA A 207 7.66 39.27 7.57
N THR A 208 6.59 39.58 6.85
CA THR A 208 5.60 40.52 7.38
C THR A 208 4.90 39.87 8.56
N GLU A 209 4.17 40.65 9.35
CA GLU A 209 3.41 40.09 10.47
C GLU A 209 2.45 39.02 9.96
N GLU A 210 1.73 39.32 8.88
CA GLU A 210 0.77 38.39 8.30
C GLU A 210 1.44 37.06 7.88
N GLU A 211 2.58 37.19 7.21
CA GLU A 211 3.33 36.01 6.79
C GLU A 211 3.80 35.15 7.96
N ALA A 212 4.31 35.82 9.00
CA ALA A 212 4.80 35.12 10.18
C ALA A 212 3.64 34.45 10.94
N LEU A 213 2.48 35.11 10.94
CA LEU A 213 1.29 34.47 11.50
C LEU A 213 0.88 33.20 10.74
N TRP A 214 0.81 33.30 9.41
CA TRP A 214 0.52 32.13 8.60
C TRP A 214 1.55 31.01 8.84
N LEU A 215 2.85 31.37 8.90
CA LEU A 215 3.85 30.34 9.20
C LEU A 215 3.53 29.63 10.53
N SER A 216 3.20 30.42 11.54
CA SER A 216 2.87 29.82 12.83
C SER A 216 1.63 28.92 12.76
N ALA A 217 0.68 29.33 11.95
CA ALA A 217 -0.56 28.57 11.76
C ALA A 217 -0.31 27.22 11.06
N LEU A 218 0.57 27.24 10.05
CA LEU A 218 0.93 25.99 9.38
C LEU A 218 1.55 25.05 10.40
N GLY A 219 2.42 25.64 11.24
CA GLY A 219 3.00 24.90 12.35
C GLY A 219 1.99 24.26 13.28
N ARG A 220 1.03 25.02 13.75
CA ARG A 220 -0.02 24.48 14.62
CA ARG A 220 -0.01 24.47 14.63
C ARG A 220 -0.88 23.43 13.91
N PHE A 221 -1.18 23.65 12.63
CA PHE A 221 -2.00 22.71 11.87
C PHE A 221 -1.31 21.38 11.66
N ALA A 222 0.02 21.41 11.49
CA ALA A 222 0.79 20.18 11.31
C ALA A 222 0.47 19.04 12.32
N PHE A 223 0.23 19.41 13.57
CA PHE A 223 -0.10 18.47 14.63
C PHE A 223 -1.30 17.61 14.21
N TYR A 224 -2.26 18.24 13.55
CA TYR A 224 -3.49 17.58 13.13
C TYR A 224 -3.35 16.94 11.75
N SER A 225 -2.79 17.68 10.79
CA SER A 225 -2.80 17.20 9.41
C SER A 225 -1.68 16.21 9.08
N GLY A 226 -0.54 16.39 9.74
CA GLY A 226 0.68 15.73 9.31
C GLY A 226 1.21 16.41 8.06
N VAL A 227 2.31 15.88 7.56
CA VAL A 227 3.02 16.53 6.48
C VAL A 227 3.29 15.54 5.34
N GLY A 228 3.06 15.99 4.11
CA GLY A 228 3.41 15.20 2.94
C GLY A 228 2.45 14.08 2.60
N ALA A 229 2.99 13.04 1.99
CA ALA A 229 2.19 11.98 1.39
C ALA A 229 1.87 10.87 2.36
N LYS A 230 0.75 10.19 2.09
CA LYS A 230 0.35 8.98 2.78
C LYS A 230 0.20 9.20 4.28
N THR A 231 -0.33 10.36 4.66
CA THR A 231 -0.64 10.59 6.06
C THR A 231 -1.77 9.65 6.53
N SER A 232 -2.51 9.06 5.58
CA SER A 232 -3.55 8.10 5.94
C SER A 232 -2.95 6.79 6.44
N LEU A 233 -1.64 6.62 6.21
CA LEU A 233 -0.94 5.41 6.64
C LEU A 233 0.03 5.67 7.78
N GLY A 234 -0.07 6.85 8.41
CA GLY A 234 0.75 7.11 9.57
C GLY A 234 2.07 7.80 9.29
N TYR A 235 2.35 8.06 8.00
CA TYR A 235 3.55 8.77 7.60
C TYR A 235 3.33 10.25 7.85
N GLY A 236 4.42 10.99 7.98
CA GLY A 236 4.30 12.44 8.07
C GLY A 236 3.74 12.98 9.37
N ARG A 237 3.79 12.19 10.45
CA ARG A 237 3.30 12.66 11.73
C ARG A 237 4.32 13.68 12.22
N ALA A 238 3.83 14.86 12.58
CA ALA A 238 4.71 15.98 12.86
C ALA A 238 4.09 16.91 13.85
N ARG A 239 4.94 17.67 14.52
CA ARG A 239 4.46 18.74 15.38
C ARG A 239 5.44 19.89 15.48
N ALA A 240 4.93 21.08 15.78
CA ALA A 240 5.80 22.21 16.03
C ALA A 240 6.38 22.16 17.43
N GLU A 241 7.62 22.65 17.54
CA GLU A 241 8.36 22.68 18.81
C GLU A 241 8.89 24.07 19.02
N SER A 242 9.56 24.26 20.15
CA SER A 242 10.24 25.52 20.43
C SER A 242 11.46 25.67 19.53
N ALA A 243 11.51 26.80 18.81
CA ALA A 243 12.63 27.09 17.92
C ALA A 243 13.91 27.31 18.72
N SER B 4 11.84 -2.77 1.89
CA SER B 4 10.42 -3.20 1.91
C SER B 4 10.31 -4.55 1.19
N MET B 5 9.13 -5.12 1.28
CA MET B 5 8.85 -6.43 0.79
C MET B 5 8.10 -6.22 -0.50
N VAL B 6 8.84 -5.84 -1.52
CA VAL B 6 8.27 -5.61 -2.84
C VAL B 6 7.89 -6.89 -3.54
N LEU B 7 6.80 -6.83 -4.27
CA LEU B 7 6.59 -7.83 -5.31
C LEU B 7 6.09 -7.11 -6.53
N ALA B 8 6.39 -7.66 -7.70
CA ALA B 8 6.11 -6.97 -8.94
C ALA B 8 5.72 -7.90 -10.08
N ALA B 9 4.96 -7.36 -11.02
CA ALA B 9 4.68 -8.01 -12.29
C ALA B 9 4.93 -6.96 -13.37
N LEU B 10 5.98 -7.22 -14.14
CA LEU B 10 6.40 -6.32 -15.20
C LEU B 10 5.92 -6.88 -16.51
N VAL B 11 5.28 -6.03 -17.30
CA VAL B 11 4.76 -6.41 -18.59
C VAL B 11 5.67 -5.89 -19.70
N LEU B 12 6.12 -6.79 -20.55
CA LEU B 12 6.84 -6.44 -21.77
C LEU B 12 5.82 -6.41 -22.90
N VAL B 13 5.50 -5.20 -23.36
CA VAL B 13 4.60 -5.03 -24.50
C VAL B 13 5.46 -5.12 -25.75
N LEU B 14 4.98 -5.90 -26.71
CA LEU B 14 5.83 -6.39 -27.78
C LEU B 14 5.40 -5.85 -29.13
N GLU B 15 6.38 -5.70 -30.01
CA GLU B 15 6.08 -5.47 -31.41
C GLU B 15 6.50 -6.69 -32.17
N GLY B 16 5.61 -7.14 -33.04
CA GLY B 16 5.89 -8.31 -33.83
C GLY B 16 4.70 -9.23 -33.89
N GLU B 17 4.73 -10.16 -34.84
CA GLU B 17 3.63 -11.09 -35.06
C GLU B 17 3.79 -12.36 -34.23
N GLY B 18 2.68 -13.02 -33.95
CA GLY B 18 2.69 -14.26 -33.20
C GLY B 18 2.52 -14.00 -31.72
N LEU B 19 2.50 -15.07 -30.95
CA LEU B 19 2.44 -14.95 -29.49
C LEU B 19 3.67 -15.59 -28.90
N PRO B 20 4.11 -15.08 -27.75
CA PRO B 20 5.14 -15.80 -27.02
C PRO B 20 4.76 -17.24 -26.80
N GLU B 21 5.77 -18.10 -26.79
CA GLU B 21 5.59 -19.50 -26.47
C GLU B 21 6.08 -19.75 -25.03
N PRO B 22 5.39 -20.63 -24.29
CA PRO B 22 5.80 -20.92 -22.91
C PRO B 22 7.29 -21.25 -22.72
N LEU B 23 7.81 -22.20 -23.48
CA LEU B 23 9.20 -22.58 -23.29
C LEU B 23 10.17 -21.48 -23.76
N GLY B 24 9.86 -20.79 -24.83
CA GLY B 24 10.70 -19.71 -25.30
C GLY B 24 10.77 -18.58 -24.28
N LEU B 25 9.60 -18.25 -23.71
CA LEU B 25 9.55 -17.21 -22.67
C LEU B 25 10.36 -17.64 -21.44
N ARG B 26 10.13 -18.87 -20.97
CA ARG B 26 10.89 -19.34 -19.80
C ARG B 26 12.38 -19.41 -20.08
N GLY B 27 12.76 -19.85 -21.28
CA GLY B 27 14.15 -19.92 -21.66
C GLY B 27 14.82 -18.56 -21.65
N PHE B 28 14.11 -17.58 -22.21
CA PHE B 28 14.58 -16.20 -22.15
C PHE B 28 14.80 -15.73 -20.70
N PHE B 29 13.79 -15.98 -19.87
CA PHE B 29 13.88 -15.62 -18.46
C PHE B 29 15.06 -16.26 -17.77
N TYR B 30 15.22 -17.57 -17.97
CA TYR B 30 16.33 -18.28 -17.36
C TYR B 30 17.65 -17.74 -17.90
N GLY B 31 17.69 -17.35 -19.17
CA GLY B 31 18.87 -16.66 -19.70
C GLY B 31 19.23 -15.41 -18.90
N LEU B 32 18.23 -14.58 -18.63
CA LEU B 32 18.44 -13.46 -17.70
C LEU B 32 18.89 -13.88 -16.28
N LEU B 33 18.24 -14.89 -15.70
CA LEU B 33 18.66 -15.38 -14.38
C LEU B 33 20.11 -15.84 -14.35
N ARG B 34 20.45 -16.70 -15.31
CA ARG B 34 21.78 -17.29 -15.44
C ARG B 34 22.80 -16.16 -15.36
N GLU B 35 22.40 -14.99 -15.86
CA GLU B 35 23.30 -13.86 -15.95
C GLU B 35 23.33 -13.08 -14.65
N VAL B 36 22.15 -12.66 -14.19
CA VAL B 36 22.07 -11.75 -13.06
C VAL B 36 21.83 -12.45 -11.70
N ALA B 37 21.04 -13.52 -11.67
CA ALA B 37 20.68 -14.20 -10.41
C ALA B 37 20.80 -15.72 -10.46
N PRO B 38 22.01 -16.22 -10.76
CA PRO B 38 22.21 -17.66 -10.96
C PRO B 38 21.93 -18.48 -9.71
N GLU B 45 10.40 -23.70 -4.23
CA GLU B 45 9.34 -22.77 -4.62
C GLU B 45 9.92 -21.62 -5.43
N ASN B 46 9.41 -21.41 -6.64
CA ASN B 46 9.96 -20.40 -7.52
C ASN B 46 9.55 -19.01 -7.05
N PRO B 47 10.53 -18.10 -6.86
CA PRO B 47 10.15 -16.74 -6.45
C PRO B 47 9.80 -15.86 -7.64
N PHE B 48 9.14 -16.47 -8.62
CA PHE B 48 8.76 -15.79 -9.85
C PHE B 48 7.64 -16.57 -10.51
N ALA B 49 7.02 -15.92 -11.50
CA ALA B 49 6.09 -16.56 -12.40
C ALA B 49 6.17 -15.85 -13.74
N LEU B 50 5.71 -16.52 -14.79
CA LEU B 50 5.74 -15.95 -16.12
C LEU B 50 4.36 -16.02 -16.73
N GLY B 51 4.10 -15.10 -17.64
CA GLY B 51 2.87 -15.16 -18.39
C GLY B 51 2.96 -14.43 -19.70
N PHE B 52 1.90 -14.59 -20.48
CA PHE B 52 1.83 -13.94 -21.76
C PHE B 52 0.40 -13.90 -22.22
N GLY B 53 0.15 -12.98 -23.13
CA GLY B 53 -1.19 -12.85 -23.66
C GLY B 53 -1.29 -11.79 -24.73
N GLY B 54 -2.51 -11.31 -24.92
CA GLY B 54 -2.76 -10.24 -25.85
C GLY B 54 -3.32 -10.84 -27.11
N ARG B 55 -3.11 -10.17 -28.22
CA ARG B 55 -3.68 -10.65 -29.48
C ARG B 55 -2.62 -10.56 -30.54
N GLU B 56 -2.91 -11.14 -31.70
CA GLU B 56 -1.99 -11.06 -32.80
C GLU B 56 -1.76 -9.60 -33.12
N GLY B 57 -0.50 -9.19 -33.09
CA GLY B 57 -0.12 -7.82 -33.43
C GLY B 57 0.02 -6.94 -32.21
N ALA B 58 -0.49 -7.41 -31.07
CA ALA B 58 -0.40 -6.69 -29.81
C ALA B 58 -0.26 -7.68 -28.69
N ALA B 59 0.87 -8.38 -28.72
CA ALA B 59 1.14 -9.45 -27.76
C ALA B 59 1.94 -8.88 -26.62
N TRP B 60 1.93 -9.56 -25.50
CA TRP B 60 2.77 -9.15 -24.38
C TRP B 60 3.23 -10.36 -23.60
N ALA B 61 4.29 -10.14 -22.84
CA ALA B 61 4.79 -11.14 -21.89
C ALA B 61 4.88 -10.48 -20.54
N ARG B 62 4.95 -11.29 -19.49
CA ARG B 62 5.00 -10.74 -18.14
C ARG B 62 5.89 -11.57 -17.25
N VAL B 63 6.63 -10.85 -16.41
CA VAL B 63 7.55 -11.45 -15.47
C VAL B 63 7.14 -11.01 -14.07
N SER B 64 6.75 -11.98 -13.23
CA SER B 64 6.43 -11.71 -11.83
C SER B 64 7.61 -12.07 -10.99
N LEU B 65 7.95 -11.14 -10.10
CA LEU B 65 9.09 -11.25 -9.21
C LEU B 65 8.57 -11.08 -7.79
N LEU B 66 8.73 -12.13 -7.00
CA LEU B 66 8.04 -12.27 -5.73
C LEU B 66 8.90 -11.98 -4.50
N VAL B 67 10.17 -11.67 -4.71
CA VAL B 67 11.05 -11.31 -3.60
C VAL B 67 11.90 -10.12 -4.01
N GLU B 68 12.19 -9.28 -3.04
CA GLU B 68 12.85 -8.00 -3.30
C GLU B 68 14.20 -8.13 -4.02
N GLY B 69 15.02 -9.09 -3.60
CA GLY B 69 16.36 -9.22 -4.16
C GLY B 69 16.27 -9.45 -5.65
N LEU B 70 15.37 -10.36 -6.00
CA LEU B 70 15.18 -10.73 -7.38
C LEU B 70 14.68 -9.53 -8.15
N TYR B 71 13.70 -8.81 -7.59
CA TYR B 71 13.22 -7.58 -8.19
C TYR B 71 14.36 -6.57 -8.46
N ALA B 72 15.15 -6.26 -7.44
CA ALA B 72 16.23 -5.27 -7.54
C ALA B 72 17.22 -5.66 -8.58
N ARG B 73 17.44 -6.95 -8.63
CA ARG B 73 18.44 -7.48 -9.49
C ARG B 73 17.98 -7.64 -10.96
N LEU B 74 16.73 -8.03 -11.19
CA LEU B 74 16.21 -8.26 -12.54
C LEU B 74 15.45 -7.12 -13.17
N ALA B 75 14.77 -6.30 -12.37
CA ALA B 75 13.98 -5.21 -12.91
C ALA B 75 14.80 -4.33 -13.86
N PRO B 76 16.03 -3.92 -13.46
CA PRO B 76 16.83 -3.08 -14.37
C PRO B 76 17.24 -3.81 -15.63
N ARG B 77 17.48 -5.10 -15.54
CA ARG B 77 17.87 -5.87 -16.70
C ARG B 77 16.67 -5.97 -17.68
N LEU B 78 15.47 -6.06 -17.13
CA LEU B 78 14.26 -6.02 -17.95
C LEU B 78 14.05 -4.67 -18.63
N TYR B 79 14.20 -3.57 -17.91
CA TYR B 79 14.09 -2.24 -18.54
C TYR B 79 15.09 -2.03 -19.66
N ALA B 80 16.26 -2.63 -19.52
CA ALA B 80 17.32 -2.46 -20.50
C ALA B 80 16.91 -3.08 -21.84
N LEU B 81 15.88 -3.91 -21.82
CA LEU B 81 15.42 -4.61 -23.02
C LEU B 81 14.59 -3.71 -23.95
N GLU B 82 14.17 -2.55 -23.46
CA GLU B 82 13.35 -1.66 -24.29
C GLU B 82 14.06 -1.35 -25.60
N GLY B 83 13.35 -1.57 -26.71
CA GLY B 83 13.91 -1.35 -28.03
C GLY B 83 14.72 -2.50 -28.59
N GLU B 84 14.95 -3.53 -27.78
CA GLU B 84 15.78 -4.65 -28.21
C GLU B 84 14.92 -5.79 -28.73
N GLU B 85 15.52 -6.61 -29.58
CA GLU B 85 14.86 -7.78 -30.12
C GLU B 85 15.17 -8.96 -29.22
N VAL B 86 14.15 -9.75 -28.89
CA VAL B 86 14.31 -10.92 -28.04
C VAL B 86 13.53 -12.05 -28.69
N ARG B 87 13.95 -13.28 -28.45
CA ARG B 87 13.19 -14.43 -28.94
C ARG B 87 12.41 -15.02 -27.79
N LEU B 88 11.09 -15.10 -27.97
CA LEU B 88 10.20 -15.70 -26.98
C LEU B 88 9.41 -16.81 -27.64
N GLY B 89 10.12 -17.74 -28.27
CA GLY B 89 9.57 -18.53 -29.35
C GLY B 89 9.84 -17.69 -30.60
N PRO B 90 8.82 -17.01 -31.12
CA PRO B 90 9.10 -16.06 -32.20
C PRO B 90 9.88 -14.86 -31.69
N PRO B 91 10.46 -14.10 -32.62
CA PRO B 91 11.19 -12.89 -32.26
C PRO B 91 10.24 -11.72 -32.09
N PHE B 92 10.54 -10.86 -31.10
CA PHE B 92 9.77 -9.64 -30.85
C PHE B 92 10.72 -8.52 -30.53
N ARG B 93 10.29 -7.30 -30.79
CA ARG B 93 11.00 -6.15 -30.28
C ARG B 93 10.25 -5.74 -29.00
N VAL B 94 10.96 -5.46 -27.91
CA VAL B 94 10.31 -4.99 -26.68
C VAL B 94 10.02 -3.51 -26.80
N ARG B 95 8.75 -3.13 -26.90
CA ARG B 95 8.42 -1.73 -27.12
C ARG B 95 8.56 -0.96 -25.81
N ALA B 96 8.10 -1.58 -24.72
CA ALA B 96 8.13 -0.97 -23.41
C ALA B 96 8.08 -2.04 -22.35
N VAL B 97 8.65 -1.71 -21.20
CA VAL B 97 8.59 -2.54 -20.02
C VAL B 97 7.82 -1.72 -18.99
N LEU B 98 6.72 -2.28 -18.54
CA LEU B 98 5.76 -1.52 -17.74
C LEU B 98 5.52 -2.12 -16.36
N GLN B 99 5.46 -1.24 -15.35
CA GLN B 99 5.09 -1.65 -14.02
C GLN B 99 3.72 -1.06 -13.62
N GLU B 100 3.13 -0.27 -14.51
CA GLU B 100 1.77 0.20 -14.33
C GLU B 100 1.23 0.57 -15.70
N GLY B 101 -0.06 0.86 -15.75
CA GLY B 101 -0.67 1.33 -16.99
C GLY B 101 -0.96 0.21 -17.96
N HIS B 102 -0.89 -1.03 -17.49
CA HIS B 102 -1.30 -2.18 -18.26
C HIS B 102 -2.07 -3.07 -17.28
N PRO B 103 -3.14 -3.73 -17.75
CA PRO B 103 -3.96 -4.53 -16.84
C PRO B 103 -3.22 -5.60 -16.04
N TRP B 104 -2.12 -6.11 -16.58
CA TRP B 104 -1.37 -7.18 -15.95
C TRP B 104 -0.03 -6.71 -15.38
N ALA B 105 0.18 -5.40 -15.33
CA ALA B 105 1.38 -4.85 -14.69
C ALA B 105 1.04 -4.34 -13.30
N GLY B 106 1.95 -4.49 -12.36
CA GLY B 106 1.76 -3.93 -11.05
C GLY B 106 3.00 -4.03 -10.20
N VAL B 107 3.14 -3.13 -9.23
CA VAL B 107 4.19 -3.27 -8.24
C VAL B 107 3.57 -2.94 -6.91
N SER B 108 3.85 -3.75 -5.90
CA SER B 108 3.25 -3.55 -4.59
C SER B 108 4.19 -4.05 -3.51
N THR B 109 3.65 -4.13 -2.30
CA THR B 109 4.37 -4.70 -1.18
C THR B 109 3.53 -5.74 -0.47
N TYR B 110 4.19 -6.63 0.24
CA TYR B 110 3.44 -7.65 0.98
C TYR B 110 2.43 -7.06 2.00
N PRO B 111 2.82 -6.01 2.77
CA PRO B 111 1.78 -5.43 3.65
C PRO B 111 0.50 -4.99 2.89
N ARG B 112 0.69 -4.48 1.68
CA ARG B 112 -0.43 -4.00 0.91
C ARG B 112 -1.31 -5.16 0.43
N LEU B 113 -0.79 -6.38 0.43
CA LEU B 113 -1.62 -7.50 0.00
C LEU B 113 -2.71 -7.68 1.03
N PHE B 114 -2.47 -7.17 2.25
CA PHE B 114 -3.39 -7.42 3.37
C PHE B 114 -4.24 -6.18 3.65
N GLN B 115 -4.37 -5.29 2.67
CA GLN B 115 -5.10 -4.05 2.88
C GLN B 115 -6.61 -4.24 3.03
N GLY B 116 -7.14 -5.33 2.49
CA GLY B 116 -8.58 -5.59 2.52
C GLY B 116 -9.32 -4.72 1.51
N PRO B 117 -10.61 -4.48 1.74
CA PRO B 117 -11.37 -4.87 2.94
C PRO B 117 -11.56 -6.39 3.02
N PRO B 118 -11.76 -6.91 4.24
CA PRO B 118 -12.05 -8.34 4.36
C PRO B 118 -13.35 -8.65 3.66
N SER B 119 -13.42 -9.79 3.00
CA SER B 119 -14.67 -10.24 2.42
C SER B 119 -14.71 -11.73 2.56
N ARG B 120 -15.91 -12.27 2.76
CA ARG B 120 -16.12 -13.70 2.78
C ARG B 120 -16.11 -14.27 1.35
N ASP B 121 -16.14 -13.39 0.36
CA ASP B 121 -16.14 -13.84 -1.04
C ASP B 121 -14.84 -13.50 -1.73
N LEU B 122 -14.42 -14.39 -2.61
CA LEU B 122 -13.27 -14.12 -3.46
C LEU B 122 -13.57 -14.59 -4.86
N ALA B 123 -13.68 -13.63 -5.79
CA ALA B 123 -13.91 -13.97 -7.19
C ALA B 123 -12.58 -13.96 -7.92
N LEU B 124 -12.18 -15.11 -8.45
CA LEU B 124 -10.96 -15.23 -9.25
C LEU B 124 -11.30 -15.45 -10.73
N ARG B 125 -10.56 -14.75 -11.59
CA ARG B 125 -10.56 -15.05 -13.01
C ARG B 125 -9.26 -15.76 -13.35
N PHE B 126 -9.42 -16.97 -13.90
CA PHE B 126 -8.33 -17.77 -14.40
C PHE B 126 -8.21 -17.46 -15.89
N ALA B 127 -7.10 -16.77 -16.21
CA ALA B 127 -6.92 -16.17 -17.52
C ALA B 127 -6.04 -17.00 -18.43
N SER B 128 -5.37 -18.00 -17.87
CA SER B 128 -4.67 -19.00 -18.67
C SER B 128 -4.91 -20.34 -18.02
N PRO B 129 -4.73 -21.41 -18.77
CA PRO B 129 -5.13 -22.71 -18.22
C PRO B 129 -4.45 -23.03 -16.90
N THR B 130 -5.27 -23.41 -15.93
CA THR B 130 -4.85 -23.60 -14.58
C THR B 130 -5.05 -25.04 -14.14
N PHE B 131 -4.00 -25.64 -13.60
CA PHE B 131 -4.09 -27.03 -13.13
C PHE B 131 -3.16 -27.25 -11.96
N PHE B 132 -3.31 -28.43 -11.35
CA PHE B 132 -2.63 -28.80 -10.11
C PHE B 132 -2.04 -30.20 -10.20
N ARG B 133 -0.93 -30.42 -9.49
CA ARG B 133 -0.29 -31.72 -9.38
C ARG B 133 -1.00 -32.52 -8.27
N ARG B 134 -1.67 -33.60 -8.65
CA ARG B 134 -2.45 -34.40 -7.73
CA ARG B 134 -2.43 -34.40 -7.71
C ARG B 134 -2.13 -35.87 -8.00
N LYS B 135 -1.43 -36.50 -7.07
CA LYS B 135 -1.06 -37.91 -7.17
C LYS B 135 -0.26 -38.28 -8.43
N GLY B 136 0.71 -37.44 -8.79
CA GLY B 136 1.53 -37.68 -9.96
C GLY B 136 0.80 -37.46 -11.27
N VAL B 137 -0.31 -36.74 -11.19
CA VAL B 137 -1.20 -36.53 -12.32
C VAL B 137 -1.58 -35.04 -12.28
N HIS B 138 -1.89 -34.45 -13.43
CA HIS B 138 -2.36 -33.07 -13.44
C HIS B 138 -3.86 -33.07 -13.42
N TYR B 139 -4.43 -32.18 -12.62
CA TYR B 139 -5.87 -32.12 -12.38
C TYR B 139 -6.33 -30.69 -12.61
N PRO B 140 -7.40 -30.49 -13.43
CA PRO B 140 -7.72 -29.16 -13.91
C PRO B 140 -8.87 -28.43 -13.18
N VAL B 141 -9.42 -29.01 -12.12
CA VAL B 141 -10.60 -28.42 -11.50
C VAL B 141 -10.17 -27.49 -10.37
N PRO B 142 -10.59 -26.24 -10.43
CA PRO B 142 -10.14 -25.25 -9.45
C PRO B 142 -10.90 -25.35 -8.11
N GLU B 143 -10.72 -26.49 -7.44
CA GLU B 143 -11.29 -26.73 -6.13
C GLU B 143 -10.76 -25.71 -5.13
N PRO B 144 -11.56 -25.33 -4.14
CA PRO B 144 -11.06 -24.34 -3.18
C PRO B 144 -9.75 -24.69 -2.51
N ARG B 145 -9.65 -25.92 -1.99
CA ARG B 145 -8.44 -26.34 -1.30
C ARG B 145 -7.19 -26.24 -2.20
N LEU B 146 -7.33 -26.68 -3.44
CA LEU B 146 -6.18 -26.67 -4.35
C LEU B 146 -5.73 -25.24 -4.66
N VAL B 147 -6.70 -24.40 -4.99
CA VAL B 147 -6.41 -23.02 -5.35
C VAL B 147 -5.80 -22.28 -4.15
N LEU B 148 -6.51 -22.33 -3.03
CA LEU B 148 -6.07 -21.55 -1.89
C LEU B 148 -4.81 -22.11 -1.25
N GLU B 149 -4.60 -23.42 -1.30
CA GLU B 149 -3.37 -23.96 -0.75
C GLU B 149 -2.20 -23.54 -1.65
N SER B 150 -2.40 -23.55 -2.97
CA SER B 150 -1.35 -23.06 -3.86
C SER B 150 -0.96 -21.64 -3.53
N LEU B 151 -1.96 -20.77 -3.39
CA LEU B 151 -1.68 -19.38 -3.03
C LEU B 151 -1.04 -19.22 -1.64
N LEU B 152 -1.59 -19.91 -0.65
CA LEU B 152 -1.13 -19.73 0.73
C LEU B 152 0.31 -20.21 0.89
N ARG B 153 0.62 -21.35 0.27
CA ARG B 153 1.99 -21.89 0.31
C ARG B 153 3.03 -20.87 -0.18
N ARG B 154 2.73 -20.24 -1.29
CA ARG B 154 3.66 -19.31 -1.90
C ARG B 154 3.68 -17.95 -1.17
N LEU B 155 2.52 -17.52 -0.68
CA LEU B 155 2.47 -16.30 0.12
C LEU B 155 3.24 -16.47 1.42
N GLU B 156 3.13 -17.65 2.02
CA GLU B 156 3.90 -17.92 3.23
C GLU B 156 5.40 -18.11 2.92
N ALA B 157 5.73 -18.69 1.77
CA ALA B 157 7.14 -18.82 1.38
C ALA B 157 7.84 -17.48 1.16
N PHE B 158 7.16 -16.55 0.48
CA PHE B 158 7.82 -15.29 0.12
C PHE B 158 7.48 -14.06 0.94
N GLY B 159 6.38 -14.11 1.69
CA GLY B 159 5.94 -12.98 2.48
C GLY B 159 6.38 -13.04 3.94
N PRO B 160 6.01 -12.02 4.71
CA PRO B 160 6.52 -11.84 6.08
C PRO B 160 5.82 -12.67 7.12
N LEU B 161 4.81 -13.44 6.74
CA LEU B 161 3.85 -13.92 7.72
C LEU B 161 3.29 -15.30 7.41
N LYS B 162 3.16 -16.14 8.44
CA LYS B 162 2.51 -17.44 8.32
C LYS B 162 1.08 -17.31 8.84
N ALA B 163 0.14 -18.02 8.23
CA ALA B 163 -1.24 -17.99 8.69
C ALA B 163 -1.37 -18.80 9.97
N PRO B 164 -2.07 -18.24 10.96
CA PRO B 164 -2.38 -19.08 12.13
C PRO B 164 -3.08 -20.37 11.75
N GLU B 165 -2.82 -21.44 12.50
CA GLU B 165 -3.36 -22.77 12.19
C GLU B 165 -4.86 -22.79 11.85
N GLY B 166 -5.66 -22.12 12.69
CA GLY B 166 -7.11 -22.09 12.51
C GLY B 166 -7.54 -21.38 11.24
N VAL B 167 -6.79 -20.34 10.89
CA VAL B 167 -7.03 -19.59 9.65
C VAL B 167 -6.74 -20.47 8.43
N ARG B 168 -5.61 -21.15 8.45
CA ARG B 168 -5.26 -22.08 7.38
C ARG B 168 -6.36 -23.14 7.28
N GLU B 169 -6.74 -23.71 8.41
CA GLU B 169 -7.76 -24.75 8.35
C GLU B 169 -9.07 -24.23 7.77
N ALA B 170 -9.50 -23.04 8.19
CA ALA B 170 -10.67 -22.39 7.59
C ALA B 170 -10.54 -22.17 6.07
N LEU B 171 -9.41 -21.60 5.66
CA LEU B 171 -9.21 -21.33 4.25
C LEU B 171 -9.26 -22.60 3.43
N LEU B 172 -8.55 -23.61 3.88
CA LEU B 172 -8.37 -24.80 3.06
C LEU B 172 -9.55 -25.77 3.17
N GLU B 173 -10.15 -25.85 4.34
CA GLU B 173 -11.16 -26.88 4.61
C GLU B 173 -12.58 -26.36 4.55
N ARG B 174 -12.80 -25.08 4.87
CA ARG B 174 -14.19 -24.61 4.99
C ARG B 174 -14.66 -23.79 3.79
N THR B 175 -13.73 -23.25 3.01
CA THR B 175 -14.12 -22.45 1.86
C THR B 175 -14.88 -23.29 0.85
N THR B 176 -15.91 -22.70 0.27
CA THR B 176 -16.74 -23.38 -0.70
C THR B 176 -16.77 -22.59 -2.00
N VAL B 177 -17.46 -23.12 -2.98
CA VAL B 177 -17.65 -22.44 -4.25
C VAL B 177 -19.06 -21.99 -4.35
N ARG B 178 -19.25 -20.71 -4.64
CA ARG B 178 -20.56 -20.12 -4.83
C ARG B 178 -21.00 -20.24 -6.29
N SER B 179 -20.07 -19.96 -7.20
CA SER B 179 -20.36 -20.07 -8.63
C SER B 179 -19.09 -20.41 -9.41
N LEU B 180 -19.30 -21.01 -10.57
CA LEU B 180 -18.21 -21.35 -11.48
C LEU B 180 -18.69 -21.26 -12.93
N GLU B 181 -17.87 -20.70 -13.79
CA GLU B 181 -18.15 -20.71 -15.23
C GLU B 181 -16.86 -20.78 -16.00
N GLY B 182 -16.76 -21.76 -16.90
CA GLY B 182 -15.56 -21.85 -17.70
C GLY B 182 -15.37 -23.17 -18.37
N ARG B 183 -14.14 -23.41 -18.81
CA ARG B 183 -13.87 -24.62 -19.55
C ARG B 183 -12.41 -24.94 -19.42
N THR B 184 -12.06 -26.17 -19.75
CA THR B 184 -10.67 -26.54 -19.79
C THR B 184 -10.11 -26.48 -21.20
N LEU B 185 -8.83 -26.08 -21.26
CA LEU B 185 -8.09 -26.01 -22.52
C LEU B 185 -6.81 -26.82 -22.37
N PRO B 186 -6.31 -27.35 -23.49
CA PRO B 186 -5.13 -28.22 -23.38
C PRO B 186 -3.90 -27.43 -23.00
N ALA B 187 -3.04 -28.04 -22.19
CA ALA B 187 -1.73 -27.44 -21.85
C ALA B 187 -0.70 -28.11 -22.77
N ARG B 188 -0.41 -27.43 -23.86
CA ARG B 188 0.28 -28.04 -24.98
C ARG B 188 1.74 -28.44 -24.72
N THR B 189 2.33 -27.91 -23.65
CA THR B 189 3.70 -28.30 -23.28
C THR B 189 3.71 -29.57 -22.47
N GLU B 190 2.53 -30.04 -22.06
CA GLU B 190 2.42 -31.11 -21.10
C GLU B 190 1.80 -32.35 -21.72
N VAL B 191 2.00 -33.48 -21.05
CA VAL B 191 1.37 -34.72 -21.44
C VAL B 191 0.02 -34.88 -20.76
N ASP B 192 -1.01 -35.04 -21.58
CA ASP B 192 -2.37 -35.38 -21.14
C ASP B 192 -2.82 -34.45 -20.04
N THR B 193 -2.60 -33.16 -20.27
CA THR B 193 -2.94 -32.15 -19.27
C THR B 193 -3.82 -31.07 -19.86
N ALA B 194 -4.85 -30.72 -19.11
CA ALA B 194 -5.67 -29.58 -19.45
C ALA B 194 -5.72 -28.67 -18.26
N GLY B 195 -6.11 -27.43 -18.52
CA GLY B 195 -6.28 -26.47 -17.44
C GLY B 195 -7.52 -25.63 -17.59
N PHE B 196 -8.07 -25.24 -16.44
CA PHE B 196 -9.26 -24.41 -16.39
C PHE B 196 -8.99 -22.95 -16.73
N VAL B 197 -9.89 -22.38 -17.53
CA VAL B 197 -9.98 -20.95 -17.78
C VAL B 197 -11.41 -20.52 -17.55
N GLY B 198 -11.58 -19.39 -16.86
CA GLY B 198 -12.91 -18.94 -16.50
C GLY B 198 -12.95 -18.24 -15.17
N ARG B 199 -14.12 -18.24 -14.55
CA ARG B 199 -14.34 -17.48 -13.33
C ARG B 199 -14.94 -18.37 -12.25
N VAL B 200 -14.41 -18.25 -11.05
CA VAL B 200 -14.94 -18.98 -9.90
C VAL B 200 -15.09 -18.00 -8.75
N VAL B 201 -16.22 -18.06 -8.06
CA VAL B 201 -16.40 -17.30 -6.82
C VAL B 201 -16.35 -18.24 -5.63
N TYR B 202 -15.35 -18.04 -4.79
CA TYR B 202 -15.14 -18.79 -3.57
C TYR B 202 -15.81 -18.06 -2.41
N HIS B 203 -16.30 -18.81 -1.42
CA HIS B 203 -16.94 -18.20 -0.26
C HIS B 203 -16.55 -18.94 1.01
N LEU B 204 -16.21 -18.19 2.04
CA LEU B 204 -15.87 -18.76 3.34
C LEU B 204 -16.99 -18.43 4.32
N PRO B 205 -17.88 -19.41 4.57
CA PRO B 205 -18.96 -19.17 5.53
C PRO B 205 -18.43 -18.74 6.90
N ARG B 206 -19.10 -17.77 7.48
CA ARG B 206 -18.81 -17.31 8.83
C ARG B 206 -17.34 -16.98 9.04
N ALA B 207 -16.68 -16.48 8.00
CA ALA B 207 -15.30 -16.06 8.18
C ALA B 207 -15.20 -15.02 9.28
N THR B 208 -14.19 -15.16 10.13
CA THR B 208 -13.78 -14.11 11.04
C THR B 208 -13.13 -12.99 10.22
N GLU B 209 -12.93 -11.84 10.84
CA GLU B 209 -12.28 -10.73 10.14
C GLU B 209 -10.90 -11.15 9.64
N GLU B 210 -10.13 -11.79 10.52
CA GLU B 210 -8.78 -12.24 10.20
C GLU B 210 -8.77 -13.20 9.01
N GLU B 211 -9.69 -14.17 9.03
CA GLU B 211 -9.83 -15.12 7.94
C GLU B 211 -10.18 -14.45 6.62
N ALA B 212 -11.15 -13.55 6.68
CA ALA B 212 -11.58 -12.80 5.49
C ALA B 212 -10.44 -11.92 4.96
N LEU B 213 -9.66 -11.33 5.87
CA LEU B 213 -8.50 -10.56 5.44
C LEU B 213 -7.49 -11.46 4.72
N TRP B 214 -7.19 -12.63 5.31
CA TRP B 214 -6.29 -13.57 4.64
C TRP B 214 -6.84 -13.99 3.27
N LEU B 215 -8.14 -14.28 3.18
CA LEU B 215 -8.73 -14.64 1.89
C LEU B 215 -8.50 -13.53 0.84
N SER B 216 -8.76 -12.30 1.25
CA SER B 216 -8.56 -11.16 0.35
C SER B 216 -7.09 -11.02 -0.05
N ALA B 217 -6.22 -11.30 0.90
CA ALA B 217 -4.76 -11.26 0.60
C ALA B 217 -4.32 -12.35 -0.40
N LEU B 218 -4.88 -13.55 -0.27
CA LEU B 218 -4.58 -14.59 -1.26
C LEU B 218 -5.04 -14.14 -2.64
N GLY B 219 -6.21 -13.52 -2.65
CA GLY B 219 -6.70 -12.93 -3.89
C GLY B 219 -5.79 -11.88 -4.51
N ARG B 220 -5.34 -10.92 -3.71
CA ARG B 220 -4.41 -9.92 -4.24
C ARG B 220 -3.08 -10.53 -4.70
N PHE B 221 -2.59 -11.51 -3.96
CA PHE B 221 -1.32 -12.17 -4.27
C PHE B 221 -1.39 -12.95 -5.60
N ALA B 222 -2.55 -13.56 -5.86
CA ALA B 222 -2.73 -14.35 -7.09
C ALA B 222 -2.31 -13.59 -8.37
N PHE B 223 -2.56 -12.29 -8.38
CA PHE B 223 -2.17 -11.44 -9.51
C PHE B 223 -0.69 -11.61 -9.83
N TYR B 224 0.13 -11.73 -8.79
CA TYR B 224 1.57 -11.83 -8.93
C TYR B 224 2.01 -13.28 -9.07
N SER B 225 1.47 -14.16 -8.23
CA SER B 225 1.99 -15.52 -8.17
C SER B 225 1.42 -16.45 -9.23
N GLY B 226 0.17 -16.22 -9.62
CA GLY B 226 -0.59 -17.20 -10.36
C GLY B 226 -0.99 -18.33 -9.43
N VAL B 227 -1.70 -19.29 -9.99
CA VAL B 227 -2.29 -20.37 -9.23
C VAL B 227 -1.91 -21.71 -9.82
N GLY B 228 -1.53 -22.64 -8.96
CA GLY B 228 -1.31 -24.02 -9.37
C GLY B 228 0.05 -24.26 -9.97
N ALA B 229 0.10 -25.26 -10.83
CA ALA B 229 1.34 -25.80 -11.37
C ALA B 229 1.83 -25.10 -12.62
N LYS B 230 3.15 -25.16 -12.81
CA LYS B 230 3.78 -24.69 -14.03
C LYS B 230 3.48 -23.20 -14.33
N THR B 231 3.41 -22.39 -13.29
CA THR B 231 3.32 -20.95 -13.50
C THR B 231 4.57 -20.37 -14.19
N SER B 232 5.67 -21.11 -14.18
CA SER B 232 6.88 -20.67 -14.87
C SER B 232 6.72 -20.78 -16.38
N LEU B 233 5.66 -21.46 -16.82
CA LEU B 233 5.37 -21.63 -18.23
C LEU B 233 4.14 -20.85 -18.68
N GLY B 234 3.62 -19.98 -17.81
CA GLY B 234 2.52 -19.14 -18.19
C GLY B 234 1.16 -19.66 -17.81
N TYR B 235 1.12 -20.87 -17.24
CA TYR B 235 -0.13 -21.44 -16.78
C TYR B 235 -0.54 -20.77 -15.48
N GLY B 236 -1.82 -20.85 -15.16
CA GLY B 236 -2.28 -20.38 -13.87
C GLY B 236 -2.30 -18.86 -13.68
N ARG B 237 -2.29 -18.12 -14.78
CA ARG B 237 -2.37 -16.66 -14.68
C ARG B 237 -3.77 -16.30 -14.23
N ALA B 238 -3.87 -15.48 -13.19
CA ALA B 238 -5.13 -15.25 -12.53
C ALA B 238 -5.16 -13.91 -11.85
N ARG B 239 -6.36 -13.40 -11.61
CA ARG B 239 -6.51 -12.18 -10.81
C ARG B 239 -7.83 -12.17 -10.10
N ALA B 240 -7.89 -11.41 -9.00
CA ALA B 240 -9.14 -11.24 -8.27
C ALA B 240 -10.00 -10.21 -8.97
N GLU B 241 -11.30 -10.47 -8.93
CA GLU B 241 -12.31 -9.62 -9.57
C GLU B 241 -13.37 -9.14 -8.60
N SER B 242 -13.39 -9.70 -7.38
CA SER B 242 -14.53 -9.48 -6.47
C SER B 242 -14.70 -8.00 -6.10
S SO4 C . -2.78 4.34 -1.16
O1 SO4 C . -1.95 4.66 -0.02
O2 SO4 C . -1.94 4.46 -2.35
O3 SO4 C . -3.30 2.99 -1.00
O4 SO4 C . -3.92 5.25 -1.23
S SO4 D . 6.88 9.67 19.37
O1 SO4 D . 6.06 10.86 19.28
O2 SO4 D . 8.17 9.96 18.73
O3 SO4 D . 7.11 9.34 20.78
O4 SO4 D . 6.32 8.50 18.71
S SO4 E . 9.49 -28.31 -15.83
O1 SO4 E . 10.27 -27.63 -14.81
O2 SO4 E . 10.30 -28.36 -17.04
O3 SO4 E . 9.15 -29.67 -15.42
O4 SO4 E . 8.27 -27.61 -16.14
S SO4 F . -6.37 -11.51 -20.88
O1 SO4 F . -6.59 -10.70 -19.66
O2 SO4 F . -5.15 -12.29 -20.89
O3 SO4 F . -7.51 -12.43 -21.03
O4 SO4 F . -6.29 -10.61 -22.03
#